data_8JYI
#
_entry.id   8JYI
#
_cell.length_a   61.693
_cell.length_b   61.693
_cell.length_c   83.234
_cell.angle_alpha   90.00
_cell.angle_beta   90.00
_cell.angle_gamma   90.00
#
_symmetry.space_group_name_H-M   'P 41 21 2'
#
loop_
_entity.id
_entity.type
_entity.pdbx_description
1 polymer 'Pol protein,Pol protein,Ribonuclease H'
2 non-polymer 'MANGANESE (II) ION'
3 non-polymer '7-[5-(2-azanylethyl)-2-oxidanyl-phenyl]-3,5,6,8-tetrakis(oxidanyl)-9,10-bis(oxidanylidene)anthracene-1,2-dicarboxylic acid'
4 non-polymer 'ZINC ION'
5 water water
#
_entity_poly.entity_id   1
_entity_poly.type   'polypeptide(L)'
_entity_poly.pdbx_seq_one_letter_code
;GPGGSMYQLEKEPIVGAETFYVDGAANRETKLGKAGYVTNRGRQKVVTLTDTTNQKTELQAIYLALQDSGLEVNIVTDSQ
YALGIITQWIHNWKKRGWKTPVKNVDLVNQIIEQLIKKEKVYLAWVPAHKGIGGNEQVDKLVSAGIRKVLF
;
_entity_poly.pdbx_strand_id   A
#
# COMPACT_ATOMS: atom_id res chain seq x y z
N MET A 6 12.12 -9.66 10.55
CA MET A 6 11.70 -10.97 11.03
C MET A 6 11.29 -11.81 9.84
N TYR A 7 10.75 -11.09 8.83
CA TYR A 7 10.04 -11.64 7.70
C TYR A 7 10.91 -11.57 6.45
N GLN A 8 10.56 -12.38 5.45
CA GLN A 8 11.24 -12.33 4.15
C GLN A 8 10.18 -12.06 3.08
N LEU A 9 10.15 -10.82 2.59
CA LEU A 9 9.34 -10.51 1.41
C LEU A 9 9.87 -11.25 0.20
N GLU A 10 8.96 -11.61 -0.70
CA GLU A 10 9.35 -12.39 -1.88
C GLU A 10 10.22 -11.56 -2.81
N LYS A 11 11.17 -12.26 -3.46
CA LYS A 11 12.08 -11.62 -4.42
C LYS A 11 11.39 -11.33 -5.74
N GLU A 12 10.36 -12.08 -6.07
CA GLU A 12 9.65 -12.00 -7.34
C GLU A 12 8.17 -12.26 -7.07
N PRO A 13 7.29 -11.84 -7.97
CA PRO A 13 5.85 -12.07 -7.74
C PRO A 13 5.52 -13.53 -7.51
N ILE A 14 4.53 -13.75 -6.66
CA ILE A 14 4.05 -15.10 -6.34
C ILE A 14 3.19 -15.58 -7.50
N VAL A 15 3.70 -16.54 -8.26
CA VAL A 15 2.98 -17.01 -9.43
C VAL A 15 1.66 -17.64 -8.96
N GLY A 16 0.57 -17.25 -9.62
CA GLY A 16 -0.74 -17.76 -9.31
C GLY A 16 -1.55 -16.91 -8.35
N ALA A 17 -0.91 -16.10 -7.51
CA ALA A 17 -1.63 -15.38 -6.46
C ALA A 17 -2.28 -14.12 -6.99
N GLU A 18 -3.39 -13.73 -6.36
CA GLU A 18 -4.11 -12.52 -6.75
C GLU A 18 -3.24 -11.28 -6.53
N THR A 19 -3.33 -10.33 -7.44
CA THR A 19 -2.50 -9.13 -7.38
C THR A 19 -3.36 -7.91 -7.08
N PHE A 20 -2.94 -7.14 -6.08
CA PHE A 20 -3.65 -5.93 -5.65
C PHE A 20 -2.86 -4.72 -6.10
N TYR A 21 -3.45 -3.91 -6.99
CA TYR A 21 -2.86 -2.63 -7.42
C TYR A 21 -3.42 -1.55 -6.50
N VAL A 22 -2.61 -1.10 -5.54
CA VAL A 22 -3.06 -0.20 -4.48
C VAL A 22 -2.69 1.23 -4.82
N ASP A 23 -3.46 2.17 -4.29
CA ASP A 23 -3.11 3.57 -4.43
C ASP A 23 -3.88 4.41 -3.42
N GLY A 24 -3.34 5.60 -3.15
CA GLY A 24 -4.05 6.57 -2.35
C GLY A 24 -3.77 7.96 -2.88
N ALA A 25 -4.67 8.89 -2.55
CA ALA A 25 -4.47 10.28 -2.90
C ALA A 25 -5.13 11.14 -1.83
N ALA A 26 -4.52 12.27 -1.54
CA ALA A 26 -5.07 13.20 -0.57
C ALA A 26 -4.90 14.62 -1.09
N ASN A 27 -5.70 15.52 -0.54
CA ASN A 27 -5.62 16.95 -0.86
C ASN A 27 -5.13 17.68 0.39
N ARG A 28 -4.03 18.43 0.24
CA ARG A 28 -3.43 19.12 1.38
C ARG A 28 -4.35 20.17 1.98
N GLU A 29 -5.14 20.85 1.14
CA GLU A 29 -5.94 21.98 1.60
C GLU A 29 -7.10 21.54 2.49
N THR A 30 -7.70 20.39 2.19
CA THR A 30 -8.83 19.89 2.94
C THR A 30 -8.50 18.68 3.80
N LYS A 31 -7.35 18.06 3.60
CA LYS A 31 -6.94 16.84 4.30
C LYS A 31 -7.87 15.67 3.98
N LEU A 32 -8.72 15.81 2.97
CA LEU A 32 -9.54 14.70 2.50
C LEU A 32 -8.75 13.82 1.55
N GLY A 33 -9.13 12.55 1.49
CA GLY A 33 -8.40 11.62 0.65
C GLY A 33 -9.18 10.35 0.40
N LYS A 34 -8.58 9.49 -0.43
CA LYS A 34 -9.13 8.18 -0.74
C LYS A 34 -7.99 7.18 -0.85
N ALA A 35 -8.26 5.94 -0.40
CA ALA A 35 -7.32 4.84 -0.51
C ALA A 35 -8.06 3.62 -1.03
N GLY A 36 -7.40 2.81 -1.84
CA GLY A 36 -8.08 1.63 -2.34
C GLY A 36 -7.20 0.76 -3.22
N TYR A 37 -7.86 -0.19 -3.90
CA TYR A 37 -7.17 -1.15 -4.74
C TYR A 37 -8.10 -1.61 -5.85
N VAL A 38 -7.49 -2.09 -6.93
CA VAL A 38 -8.15 -2.95 -7.92
C VAL A 38 -7.28 -4.20 -8.05
N THR A 39 -7.91 -5.33 -8.37
CA THR A 39 -7.16 -6.58 -8.46
C THR A 39 -7.37 -7.25 -9.81
N ASN A 40 -6.43 -8.11 -10.16
CA ASN A 40 -6.51 -8.87 -11.41
C ASN A 40 -7.49 -10.02 -11.33
N ARG A 41 -8.20 -10.17 -10.21
CA ARG A 41 -9.30 -11.11 -10.10
C ARG A 41 -10.65 -10.40 -10.10
N GLY A 42 -10.67 -9.10 -10.32
CA GLY A 42 -11.91 -8.38 -10.51
C GLY A 42 -12.52 -7.77 -9.27
N ARG A 43 -11.76 -7.62 -8.18
CA ARG A 43 -12.27 -6.88 -7.05
C ARG A 43 -11.75 -5.45 -7.09
N GLN A 44 -12.48 -4.56 -6.43
CA GLN A 44 -11.98 -3.22 -6.17
C GLN A 44 -12.61 -2.74 -4.88
N LYS A 45 -11.98 -1.74 -4.28
CA LYS A 45 -12.49 -1.12 -3.07
C LYS A 45 -11.90 0.27 -3.01
N VAL A 46 -12.73 1.26 -2.70
CA VAL A 46 -12.27 2.63 -2.49
C VAL A 46 -12.96 3.16 -1.23
N VAL A 47 -12.16 3.58 -0.27
CA VAL A 47 -12.68 4.20 0.94
C VAL A 47 -12.28 5.67 0.97
N THR A 48 -13.15 6.50 1.52
CA THR A 48 -12.89 7.92 1.66
C THR A 48 -12.43 8.19 3.08
N LEU A 49 -11.41 9.04 3.21
CA LEU A 49 -10.78 9.30 4.47
C LEU A 49 -10.72 10.80 4.71
N THR A 50 -10.79 11.18 5.99
CA THR A 50 -10.61 12.56 6.41
C THR A 50 -9.33 12.66 7.22
N ASP A 51 -8.85 13.89 7.39
CA ASP A 51 -7.72 14.18 8.27
C ASP A 51 -6.50 13.33 7.91
N THR A 52 -6.23 13.21 6.61
CA THR A 52 -5.18 12.31 6.13
C THR A 52 -4.22 13.06 5.20
N THR A 53 -3.15 12.36 4.82
CA THR A 53 -2.12 12.89 3.93
C THR A 53 -1.88 11.89 2.81
N ASN A 54 -1.17 12.33 1.78
CA ASN A 54 -0.91 11.42 0.67
C ASN A 54 -0.16 10.18 1.14
N GLN A 55 0.87 10.35 1.96
CA GLN A 55 1.59 9.20 2.49
C GLN A 55 0.66 8.29 3.28
N LYS A 56 -0.17 8.87 4.14
CA LYS A 56 -1.09 8.04 4.92
C LYS A 56 -2.03 7.26 4.03
N THR A 57 -2.53 7.87 2.95
CA THR A 57 -3.45 7.13 2.08
C THR A 57 -2.75 5.99 1.36
N GLU A 58 -1.48 6.17 0.97
CA GLU A 58 -0.78 5.08 0.31
C GLU A 58 -0.61 3.89 1.25
N LEU A 59 -0.22 4.16 2.50
CA LEU A 59 -0.14 3.10 3.50
C LEU A 59 -1.51 2.47 3.77
N GLN A 60 -2.56 3.29 3.83
CA GLN A 60 -3.88 2.74 4.10
C GLN A 60 -4.32 1.79 3.00
N ALA A 61 -4.01 2.10 1.74
CA ALA A 61 -4.35 1.21 0.65
C ALA A 61 -3.66 -0.15 0.82
N ILE A 62 -2.39 -0.14 1.22
CA ILE A 62 -1.68 -1.39 1.46
C ILE A 62 -2.33 -2.18 2.59
N TYR A 63 -2.71 -1.47 3.66
CA TYR A 63 -3.41 -2.15 4.75
C TYR A 63 -4.68 -2.82 4.26
N LEU A 64 -5.46 -2.11 3.43
CA LEU A 64 -6.69 -2.67 2.90
C LEU A 64 -6.42 -3.93 2.08
N ALA A 65 -5.35 -3.93 1.29
CA ALA A 65 -5.02 -5.08 0.47
C ALA A 65 -4.62 -6.26 1.33
N LEU A 66 -3.88 -6.02 2.41
CA LEU A 66 -3.53 -7.09 3.34
C LEU A 66 -4.78 -7.61 4.05
N GLN A 67 -5.68 -6.71 4.43
CA GLN A 67 -6.89 -7.12 5.11
C GLN A 67 -7.74 -8.04 4.25
N ASP A 68 -7.83 -7.74 2.95
CA ASP A 68 -8.83 -8.37 2.09
C ASP A 68 -8.27 -9.55 1.29
N SER A 69 -6.98 -9.84 1.39
CA SER A 69 -6.34 -10.85 0.57
C SER A 69 -6.18 -12.17 1.33
N GLY A 70 -5.87 -13.22 0.58
CA GLY A 70 -5.53 -14.51 1.14
C GLY A 70 -4.11 -14.52 1.70
N LEU A 71 -3.62 -15.74 1.94
CA LEU A 71 -2.33 -15.90 2.62
C LEU A 71 -1.14 -15.59 1.72
N GLU A 72 -1.33 -15.59 0.41
CA GLU A 72 -0.27 -15.21 -0.54
C GLU A 72 -0.80 -14.05 -1.37
N VAL A 73 -0.07 -12.94 -1.39
CA VAL A 73 -0.58 -11.73 -2.03
C VAL A 73 0.56 -11.01 -2.74
N ASN A 74 0.28 -10.56 -3.97
CA ASN A 74 1.13 -9.63 -4.69
C ASN A 74 0.53 -8.23 -4.54
N ILE A 75 1.35 -7.26 -4.16
CA ILE A 75 0.91 -5.88 -4.00
C ILE A 75 1.83 -5.00 -4.82
N VAL A 76 1.23 -4.12 -5.64
CA VAL A 76 1.95 -3.19 -6.49
C VAL A 76 1.53 -1.78 -6.09
N THR A 77 2.50 -0.99 -5.63
CA THR A 77 2.28 0.36 -5.15
C THR A 77 3.14 1.32 -5.98
N ASP A 78 2.72 2.59 -6.07
CA ASP A 78 3.59 3.58 -6.67
C ASP A 78 4.21 4.50 -5.64
N SER A 79 4.08 4.18 -4.36
CA SER A 79 4.63 4.99 -3.28
C SER A 79 5.97 4.41 -2.85
N GLN A 80 7.06 5.06 -3.26
CA GLN A 80 8.38 4.66 -2.78
C GLN A 80 8.44 4.73 -1.26
N TYR A 81 7.79 5.73 -0.68
CA TYR A 81 7.81 5.87 0.77
C TYR A 81 7.16 4.67 1.45
N ALA A 82 5.93 4.33 1.06
CA ALA A 82 5.23 3.20 1.66
C ALA A 82 6.08 1.93 1.60
N LEU A 83 6.66 1.65 0.43
CA LEU A 83 7.48 0.44 0.30
C LEU A 83 8.73 0.52 1.16
N GLY A 84 9.34 1.70 1.24
CA GLY A 84 10.60 1.80 1.97
C GLY A 84 10.41 1.69 3.47
N ILE A 85 9.39 2.37 4.01
CA ILE A 85 9.20 2.34 5.45
C ILE A 85 8.78 0.94 5.91
N ILE A 86 8.04 0.21 5.08
CA ILE A 86 7.63 -1.15 5.43
C ILE A 86 8.83 -2.08 5.39
N THR A 87 9.57 -2.05 4.28
CA THR A 87 10.76 -2.90 4.13
C THR A 87 11.78 -2.61 5.21
N GLN A 88 11.99 -1.33 5.54
CA GLN A 88 12.97 -0.99 6.56
C GLN A 88 12.55 -1.52 7.92
N TRP A 89 11.24 -1.46 8.21
CA TRP A 89 10.74 -2.03 9.46
C TRP A 89 11.08 -3.51 9.57
N ILE A 90 10.83 -4.26 8.50
CA ILE A 90 11.11 -5.69 8.49
C ILE A 90 12.61 -5.97 8.66
N HIS A 91 13.45 -5.24 7.92
CA HIS A 91 14.88 -5.54 7.93
C HIS A 91 15.55 -5.19 9.24
N ASN A 92 14.99 -4.25 10.00
CA ASN A 92 15.69 -3.69 11.15
C ASN A 92 15.08 -4.04 12.49
N TRP A 93 14.02 -4.85 12.54
CA TRP A 93 13.51 -5.25 13.84
C TRP A 93 14.38 -6.37 14.41
N LYS A 94 14.46 -6.38 15.75
CA LYS A 94 15.40 -7.24 16.47
C LYS A 94 16.84 -6.97 16.06
N LYS A 95 17.12 -5.72 15.68
CA LYS A 95 18.43 -5.31 15.19
C LYS A 95 18.89 -4.06 15.92
N ARG A 96 20.21 -3.89 15.99
CA ARG A 96 20.84 -2.80 16.71
C ARG A 96 20.70 -1.48 15.95
N GLY A 97 20.76 -0.39 16.71
CA GLY A 97 20.80 0.95 16.13
C GLY A 97 19.57 1.34 15.34
N TRP A 98 18.40 0.92 15.78
CA TRP A 98 17.14 1.14 15.06
C TRP A 98 16.23 2.04 15.88
N LYS A 99 15.98 3.25 15.37
CA LYS A 99 14.95 4.12 15.92
C LYS A 99 13.76 4.10 14.97
N THR A 100 12.60 3.72 15.48
CA THR A 100 11.40 3.66 14.67
C THR A 100 11.03 5.05 14.15
N PRO A 101 10.42 5.13 12.97
CA PRO A 101 10.10 6.45 12.41
C PRO A 101 9.07 7.18 13.25
N VAL A 102 9.10 8.51 13.15
CA VAL A 102 8.17 9.33 13.90
C VAL A 102 6.79 9.34 13.25
N LYS A 103 6.74 9.75 11.98
CA LYS A 103 5.48 9.90 11.29
C LYS A 103 4.83 8.53 11.02
N ASN A 104 3.49 8.51 11.07
CA ASN A 104 2.68 7.37 10.63
C ASN A 104 3.03 6.08 11.36
N VAL A 105 3.57 6.18 12.57
CA VAL A 105 4.03 4.98 13.27
C VAL A 105 2.88 4.02 13.54
N ASP A 106 1.72 4.57 13.93
CA ASP A 106 0.58 3.73 14.28
C ASP A 106 0.08 2.95 13.07
N LEU A 107 0.00 3.61 11.91
CA LEU A 107 -0.49 2.93 10.72
C LEU A 107 0.49 1.85 10.27
N VAL A 108 1.79 2.15 10.31
CA VAL A 108 2.78 1.16 9.90
C VAL A 108 2.76 -0.04 10.82
N ASN A 109 2.54 0.19 12.12
CA ASN A 109 2.41 -0.93 13.06
C ASN A 109 1.20 -1.80 12.72
N GLN A 110 0.08 -1.18 12.33
CA GLN A 110 -1.07 -1.96 11.92
C GLN A 110 -0.77 -2.78 10.67
N ILE A 111 0.01 -2.21 9.75
CA ILE A 111 0.35 -2.92 8.52
C ILE A 111 1.25 -4.12 8.83
N ILE A 112 2.31 -3.91 9.62
CA ILE A 112 3.22 -4.99 9.97
C ILE A 112 2.47 -6.10 10.68
N GLU A 113 1.53 -5.73 11.56
CA GLU A 113 0.60 -6.69 12.17
C GLU A 113 0.00 -7.62 11.12
N GLN A 114 -0.56 -7.04 10.06
CA GLN A 114 -1.18 -7.83 9.00
C GLN A 114 -0.14 -8.63 8.24
N LEU A 115 1.02 -8.03 7.95
CA LEU A 115 2.06 -8.67 7.15
C LEU A 115 2.51 -10.01 7.73
N ILE A 116 2.81 -10.04 9.03
CA ILE A 116 3.35 -11.25 9.61
C ILE A 116 2.31 -12.37 9.64
N LYS A 117 1.02 -12.01 9.56
CA LYS A 117 -0.04 -13.02 9.48
C LYS A 117 -0.07 -13.73 8.14
N LYS A 118 0.61 -13.19 7.13
CA LYS A 118 0.60 -13.80 5.81
C LYS A 118 1.64 -14.92 5.72
N GLU A 119 1.48 -15.75 4.70
CA GLU A 119 2.46 -16.77 4.36
C GLU A 119 3.54 -16.23 3.42
N LYS A 120 3.13 -15.60 2.32
CA LYS A 120 4.05 -14.97 1.38
C LYS A 120 3.49 -13.63 0.95
N VAL A 121 4.34 -12.60 0.90
CA VAL A 121 3.94 -11.30 0.39
C VAL A 121 4.99 -10.80 -0.59
N TYR A 122 4.55 -10.40 -1.78
CA TYR A 122 5.39 -9.69 -2.73
C TYR A 122 4.92 -8.25 -2.82
N LEU A 123 5.85 -7.33 -2.60
CA LEU A 123 5.57 -5.90 -2.58
C LEU A 123 6.53 -5.23 -3.55
N ALA A 124 6.00 -4.57 -4.57
CA ALA A 124 6.82 -3.95 -5.59
C ALA A 124 6.37 -2.53 -5.83
N TRP A 125 7.34 -1.66 -6.13
CA TRP A 125 7.07 -0.29 -6.51
C TRP A 125 7.09 -0.15 -8.02
N VAL A 126 6.15 0.63 -8.56
CA VAL A 126 6.17 1.05 -9.95
C VAL A 126 5.96 2.55 -9.97
N PRO A 127 6.61 3.29 -10.85
CA PRO A 127 6.27 4.71 -10.98
C PRO A 127 4.86 4.82 -11.56
N ALA A 128 4.13 5.83 -11.10
CA ALA A 128 2.85 6.10 -11.74
C ALA A 128 3.08 6.39 -13.21
N HIS A 129 2.12 5.99 -14.04
CA HIS A 129 2.29 6.07 -15.48
C HIS A 129 0.93 6.13 -16.14
N LYS A 130 0.92 6.62 -17.37
CA LYS A 130 -0.27 6.61 -18.20
C LYS A 130 -0.50 5.20 -18.76
N GLY A 131 -1.75 4.86 -18.99
CA GLY A 131 -2.10 3.61 -19.60
C GLY A 131 -3.44 3.12 -19.09
N ILE A 132 -3.69 1.82 -19.32
CA ILE A 132 -4.95 1.18 -18.99
C ILE A 132 -4.74 0.00 -18.04
N GLY A 133 -3.57 -0.10 -17.44
CA GLY A 133 -3.27 -1.17 -16.51
C GLY A 133 -3.79 -0.90 -15.11
N GLY A 134 -3.30 -1.71 -14.17
CA GLY A 134 -3.87 -1.70 -12.82
C GLY A 134 -3.57 -0.44 -12.04
N ASN A 135 -2.32 0.02 -12.06
CA ASN A 135 -1.98 1.23 -11.31
C ASN A 135 -2.75 2.43 -11.84
N GLU A 136 -2.91 2.51 -13.17
CA GLU A 136 -3.68 3.60 -13.75
C GLU A 136 -5.14 3.57 -13.28
N GLN A 137 -5.75 2.39 -13.25
CA GLN A 137 -7.17 2.30 -12.89
C GLN A 137 -7.41 2.77 -11.46
N VAL A 138 -6.63 2.24 -10.50
CA VAL A 138 -6.83 2.63 -9.11
C VAL A 138 -6.46 4.09 -8.89
N ASP A 139 -5.50 4.62 -9.66
CA ASP A 139 -5.21 6.05 -9.59
C ASP A 139 -6.45 6.89 -9.88
N LYS A 140 -7.16 6.59 -10.98
CA LYS A 140 -8.37 7.35 -11.30
C LYS A 140 -9.40 7.24 -10.19
N LEU A 141 -9.52 6.05 -9.58
CA LEU A 141 -10.51 5.85 -8.52
C LEU A 141 -10.20 6.72 -7.31
N VAL A 142 -8.94 6.72 -6.86
CA VAL A 142 -8.61 7.45 -5.65
C VAL A 142 -8.47 8.94 -5.92
N SER A 143 -8.15 9.35 -7.16
CA SER A 143 -8.02 10.76 -7.50
C SER A 143 -9.35 11.45 -7.73
N ALA A 144 -10.43 10.69 -7.92
CA ALA A 144 -11.74 11.28 -8.18
C ALA A 144 -12.15 12.22 -7.06
N GLY A 145 -12.37 13.49 -7.40
CA GLY A 145 -12.77 14.48 -6.42
C GLY A 145 -11.70 14.87 -5.43
N ILE A 146 -10.47 14.39 -5.60
CA ILE A 146 -9.38 14.66 -4.67
C ILE A 146 -8.31 15.53 -5.33
N ARG A 147 -7.84 15.14 -6.52
CA ARG A 147 -6.93 15.98 -7.28
C ARG A 147 -7.24 15.88 -8.78
N LYS A 148 -6.90 16.94 -9.51
CA LYS A 148 -7.09 16.96 -10.95
C LYS A 148 -6.09 16.05 -11.64
N VAL A 149 -6.54 15.40 -12.71
CA VAL A 149 -5.69 14.48 -13.48
C VAL A 149 -5.70 14.86 -14.96
#